data_5DMV
#
_entry.id   5DMV
#
_cell.length_a   35.627
_cell.length_b   63.329
_cell.length_c   56.831
_cell.angle_alpha   90.00
_cell.angle_beta   97.20
_cell.angle_gamma   90.00
#
_symmetry.space_group_name_H-M   'P 1 21 1'
#
loop_
_entity.id
_entity.type
_entity.pdbx_description
1 polymer 'Serine/threonine-protein kinase PLK1'
2 polymer 'F-box only protein 43'
3 non-polymer 'NICKEL (II) ION'
4 water water
#
loop_
_entity_poly.entity_id
_entity_poly.type
_entity_poly.pdbx_seq_one_letter_code
_entity_poly.pdbx_strand_id
1 'polypeptide(L)'
;NEAIECHLSDLLQQLTSVNASKPSERGLVRQEEAEDPACIPIFWVSKWVDYSDKYGLGYQLCDNSVGVLFNDSTRLILYN
DGDSLQYIERDGTESYLTVSSHPNSLMKKITLLNYFRNYMSEHLLKAGANITPREGDELARLPYLRTWFRTRSAIILHLS
NGTVQINFFQDHTKLILCPLMAAVTYINEKRDFQTYRLSLLEEYGCCKELASRLRYARTMVDKLLSSRSASNRLKAS
;
C
2 'polypeptide(L)' SPLVTS(TPO)IKTEDVVSNSQNSRLHFSQHKTS(TPO)I D
#
loop_
_chem_comp.id
_chem_comp.type
_chem_comp.name
_chem_comp.formula
NI non-polymer 'NICKEL (II) ION' 'Ni 2'
#
# COMPACT_ATOMS: atom_id res chain seq x y z
N CYS A 6 -4.35 -5.13 -10.02
CA CYS A 6 -4.59 -6.00 -11.19
C CYS A 6 -3.94 -5.33 -12.40
N HIS A 7 -3.04 -4.40 -12.07
CA HIS A 7 -2.18 -3.74 -13.03
C HIS A 7 -0.78 -4.23 -12.67
N LEU A 8 -0.76 -5.38 -12.02
CA LEU A 8 0.45 -6.01 -11.52
C LEU A 8 1.37 -6.40 -12.65
N SER A 9 0.79 -6.87 -13.75
CA SER A 9 1.59 -7.27 -14.89
C SER A 9 2.39 -6.15 -15.53
N ASP A 10 1.75 -4.99 -15.67
CA ASP A 10 2.44 -3.81 -16.20
C ASP A 10 3.57 -3.37 -15.24
N LEU A 11 3.32 -3.44 -13.93
CA LEU A 11 4.31 -3.05 -12.91
C LEU A 11 5.54 -3.91 -12.97
N LEU A 12 5.31 -5.20 -13.15
CA LEU A 12 6.38 -6.18 -13.27
C LEU A 12 7.21 -5.83 -14.51
N GLN A 13 6.53 -5.49 -15.60
CA GLN A 13 7.20 -5.12 -16.85
C GLN A 13 8.03 -3.84 -16.62
N GLN A 14 7.46 -2.88 -15.89
CA GLN A 14 8.17 -1.63 -15.54
C GLN A 14 9.40 -1.83 -14.63
N LEU A 15 9.24 -2.64 -13.59
CA LEU A 15 10.34 -2.94 -12.65
C LEU A 15 11.44 -3.74 -13.32
N THR A 16 11.06 -4.69 -14.14
CA THR A 16 12.04 -5.49 -14.87
C THR A 16 12.88 -4.55 -15.73
N SER A 17 12.23 -3.60 -16.38
CA SER A 17 12.90 -2.66 -17.27
CA SER A 17 12.93 -2.68 -17.27
C SER A 17 13.95 -1.83 -16.52
N VAL A 18 13.54 -1.23 -15.39
CA VAL A 18 14.45 -0.39 -14.62
C VAL A 18 15.56 -1.21 -14.03
N ASN A 19 15.23 -2.36 -13.46
CA ASN A 19 16.29 -3.16 -12.88
C ASN A 19 17.29 -3.66 -13.93
N ALA A 20 16.83 -4.02 -15.13
CA ALA A 20 17.73 -4.51 -16.16
C ALA A 20 18.65 -3.40 -16.69
N SER A 21 18.27 -2.13 -16.48
CA SER A 21 19.11 -1.01 -16.96
C SER A 21 20.27 -0.69 -16.01
N LYS A 22 20.33 -1.36 -14.87
CA LYS A 22 21.41 -1.09 -13.91
C LYS A 22 21.63 0.39 -13.56
N PRO A 23 20.57 1.03 -13.00
CA PRO A 23 20.37 2.46 -12.73
C PRO A 23 21.48 2.97 -11.80
N SER A 24 22.12 2.06 -11.09
CA SER A 24 23.12 2.45 -10.10
C SER A 24 24.53 2.24 -10.67
N GLU A 25 24.58 1.78 -11.91
CA GLU A 25 25.83 1.37 -12.54
C GLU A 25 25.97 2.33 -13.76
N ARG A 26 26.16 3.61 -13.45
CA ARG A 26 26.26 4.64 -14.47
C ARG A 26 27.54 5.44 -14.37
N GLY A 27 27.74 6.31 -15.34
CA GLY A 27 28.95 7.10 -15.37
C GLY A 27 28.55 8.13 -14.36
N LEU A 28 27.46 8.83 -14.61
CA LEU A 28 26.99 9.79 -13.62
C LEU A 28 25.52 9.52 -13.30
N VAL A 29 25.25 9.25 -12.03
CA VAL A 29 23.90 9.05 -11.54
C VAL A 29 23.19 10.39 -11.33
N ARG A 30 22.05 10.57 -11.98
CA ARG A 30 21.29 11.82 -11.88
C ARG A 30 19.88 11.66 -11.33
N GLN A 31 19.78 10.99 -10.21
CA GLN A 31 18.50 10.65 -9.60
C GLN A 31 17.60 11.88 -9.44
N GLU A 32 18.18 13.02 -9.10
CA GLU A 32 17.37 14.22 -8.88
C GLU A 32 16.55 14.61 -10.12
N GLU A 33 17.06 14.33 -11.31
CA GLU A 33 16.30 14.69 -12.51
C GLU A 33 15.10 13.77 -12.76
N ALA A 34 14.99 12.69 -12.01
CA ALA A 34 13.86 11.78 -12.15
C ALA A 34 12.75 12.16 -11.19
N GLU A 35 12.98 13.13 -10.32
CA GLU A 35 11.91 13.50 -9.41
C GLU A 35 10.77 14.11 -10.16
N ASP A 36 9.56 13.71 -9.80
CA ASP A 36 8.36 14.33 -10.31
C ASP A 36 7.35 14.39 -9.21
N PRO A 37 7.26 15.53 -8.53
CA PRO A 37 6.34 15.71 -7.38
C PRO A 37 4.85 15.66 -7.76
N ALA A 38 4.53 15.81 -9.05
CA ALA A 38 3.16 15.74 -9.54
C ALA A 38 2.60 14.33 -9.56
N CYS A 39 3.47 13.35 -9.38
CA CYS A 39 3.10 11.94 -9.43
C CYS A 39 2.85 11.36 -8.04
N ILE A 40 2.89 12.19 -7.00
CA ILE A 40 2.61 11.69 -5.65
C ILE A 40 1.26 10.94 -5.61
N PRO A 41 1.23 9.75 -4.98
CA PRO A 41 0.00 8.96 -4.89
C PRO A 41 -1.05 9.68 -4.05
N ILE A 42 -2.30 9.39 -4.32
CA ILE A 42 -3.39 9.90 -3.51
C ILE A 42 -3.51 9.05 -2.28
N PHE A 43 -3.26 7.75 -2.43
CA PHE A 43 -3.47 6.85 -1.32
C PHE A 43 -2.25 5.97 -1.08
N TRP A 44 -2.01 5.70 0.19
CA TRP A 44 -1.07 4.69 0.64
C TRP A 44 -1.53 4.24 2.02
N VAL A 45 -0.93 3.15 2.53
CA VAL A 45 -1.25 2.64 3.85
C VAL A 45 -0.47 3.34 4.94
N SER A 46 -1.18 4.04 5.82
CA SER A 46 -0.55 4.80 6.91
C SER A 46 -0.35 3.99 8.23
N LYS A 47 -1.20 2.99 8.47
CA LYS A 47 -1.13 2.13 9.64
C LYS A 47 -1.63 0.73 9.34
N TRP A 48 -1.08 -0.27 10.06
CA TRP A 48 -1.57 -1.62 9.96
C TRP A 48 -1.40 -2.42 11.25
N VAL A 49 -2.26 -3.42 11.43
CA VAL A 49 -2.21 -4.29 12.60
C VAL A 49 -2.40 -5.70 12.11
N ASP A 50 -1.41 -6.54 12.30
CA ASP A 50 -1.54 -7.91 11.88
C ASP A 50 -2.10 -8.72 13.04
N TYR A 51 -3.41 -8.97 12.97
CA TYR A 51 -4.08 -9.82 13.92
C TYR A 51 -4.52 -11.03 13.09
N SER A 52 -3.68 -11.51 12.18
CA SER A 52 -4.17 -12.57 11.34
C SER A 52 -4.39 -13.89 12.07
N ASP A 53 -3.91 -14.08 13.30
CA ASP A 53 -4.28 -15.31 14.02
C ASP A 53 -5.74 -15.33 14.33
N LYS A 54 -6.20 -14.11 14.53
CA LYS A 54 -7.57 -13.94 14.89
C LYS A 54 -8.30 -12.79 14.19
N TYR A 55 -9.27 -13.02 13.33
CA TYR A 55 -9.93 -12.03 12.50
C TYR A 55 -9.29 -11.48 11.21
N GLY A 56 -8.05 -10.97 11.23
CA GLY A 56 -7.48 -10.45 9.99
C GLY A 56 -6.45 -9.33 10.09
N LEU A 57 -6.28 -8.61 8.99
CA LEU A 57 -5.31 -7.52 8.88
C LEU A 57 -6.02 -6.19 8.85
N GLY A 58 -5.81 -5.36 9.87
CA GLY A 58 -6.43 -4.03 9.85
C GLY A 58 -5.47 -2.96 9.40
N TYR A 59 -5.99 -1.97 8.69
CA TYR A 59 -5.14 -0.89 8.19
C TYR A 59 -5.88 0.44 8.07
N GLN A 60 -5.13 1.52 8.08
CA GLN A 60 -5.62 2.87 7.84
C GLN A 60 -4.97 3.40 6.62
N LEU A 61 -5.76 4.07 5.78
CA LEU A 61 -5.20 4.78 4.64
C LEU A 61 -4.92 6.22 5.06
N CYS A 62 -4.07 6.89 4.29
CA CYS A 62 -3.60 8.23 4.62
C CYS A 62 -4.68 9.30 4.69
N ASP A 63 -5.84 9.01 4.12
CA ASP A 63 -7.00 9.91 4.15
C ASP A 63 -7.88 9.61 5.39
N ASN A 64 -7.35 8.84 6.33
CA ASN A 64 -8.03 8.46 7.58
C ASN A 64 -9.16 7.45 7.47
N SER A 65 -9.37 6.89 6.30
CA SER A 65 -10.29 5.78 6.21
C SER A 65 -9.65 4.53 6.78
N VAL A 66 -10.44 3.54 7.16
CA VAL A 66 -9.86 2.33 7.75
C VAL A 66 -10.43 1.12 7.04
N GLY A 67 -9.68 0.04 7.05
CA GLY A 67 -10.16 -1.19 6.46
C GLY A 67 -9.70 -2.41 7.23
N VAL A 68 -10.36 -3.54 7.00
CA VAL A 68 -9.92 -4.85 7.51
C VAL A 68 -10.05 -5.87 6.40
N LEU A 69 -8.99 -6.63 6.16
CA LEU A 69 -9.11 -7.81 5.31
C LEU A 69 -9.23 -8.98 6.27
N PHE A 70 -10.44 -9.48 6.42
CA PHE A 70 -10.68 -10.53 7.37
C PHE A 70 -10.11 -11.80 6.81
N ASN A 71 -9.92 -12.75 7.72
CA ASN A 71 -9.39 -14.05 7.37
C ASN A 71 -10.27 -14.84 6.42
N ASP A 72 -11.55 -14.49 6.32
CA ASP A 72 -12.40 -15.22 5.41
C ASP A 72 -12.35 -14.57 4.03
N SER A 73 -11.38 -13.69 3.81
CA SER A 73 -11.18 -13.00 2.53
C SER A 73 -12.30 -12.03 2.13
N THR A 74 -13.06 -11.57 3.09
CA THR A 74 -13.98 -10.47 2.82
C THR A 74 -13.32 -9.19 3.30
N ARG A 75 -13.81 -8.04 2.85
CA ARG A 75 -13.15 -6.80 3.18
C ARG A 75 -14.22 -5.84 3.63
N LEU A 76 -13.91 -5.06 4.65
CA LEU A 76 -14.79 -4.02 5.13
C LEU A 76 -14.06 -2.72 5.20
N ILE A 77 -14.64 -1.69 4.61
CA ILE A 77 -14.01 -0.38 4.55
C ILE A 77 -14.86 0.72 5.18
N LEU A 78 -14.33 1.45 6.14
CA LEU A 78 -15.05 2.59 6.66
C LEU A 78 -14.46 3.93 6.14
N TYR A 79 -15.25 4.68 5.36
CA TYR A 79 -14.78 5.98 4.84
C TYR A 79 -14.61 6.98 5.95
N ASN A 80 -13.87 8.03 5.63
CA ASN A 80 -13.52 9.05 6.60
C ASN A 80 -14.69 9.95 6.95
N ASP A 81 -15.82 9.73 6.28
CA ASP A 81 -17.04 10.46 6.65
C ASP A 81 -17.67 9.90 7.93
N GLY A 82 -17.18 8.76 8.38
CA GLY A 82 -17.62 8.25 9.65
C GLY A 82 -18.92 7.51 9.54
N ASP A 83 -19.39 7.32 8.31
CA ASP A 83 -20.67 6.67 8.12
C ASP A 83 -20.72 5.70 6.95
N SER A 84 -20.07 6.03 5.86
CA SER A 84 -20.06 5.19 4.66
C SER A 84 -19.25 3.88 4.76
N LEU A 85 -19.83 2.77 4.32
CA LEU A 85 -19.17 1.48 4.44
C LEU A 85 -19.10 0.86 3.07
N GLN A 86 -17.98 0.21 2.77
CA GLN A 86 -17.95 -0.64 1.60
C GLN A 86 -17.64 -2.06 2.05
N TYR A 87 -18.42 -3.00 1.60
CA TYR A 87 -18.12 -4.36 1.92
C TYR A 87 -17.78 -5.02 0.59
N ILE A 88 -16.72 -5.80 0.56
CA ILE A 88 -16.29 -6.51 -0.63
C ILE A 88 -16.25 -7.97 -0.28
N GLU A 89 -17.07 -8.75 -0.96
CA GLU A 89 -17.16 -10.17 -0.73
C GLU A 89 -15.93 -10.84 -1.28
N ARG A 90 -15.83 -12.16 -1.10
CA ARG A 90 -14.71 -12.91 -1.61
C ARG A 90 -14.60 -12.77 -3.12
N ASP A 91 -15.73 -12.83 -3.82
CA ASP A 91 -15.71 -12.73 -5.27
C ASP A 91 -15.51 -11.32 -5.81
N GLY A 92 -15.40 -10.30 -4.95
CA GLY A 92 -15.13 -9.03 -5.59
C GLY A 92 -16.38 -8.19 -5.79
N THR A 93 -17.55 -8.70 -5.41
CA THR A 93 -18.81 -7.95 -5.68
C THR A 93 -19.03 -6.52 -5.12
N GLU A 94 -18.60 -6.22 -3.92
CA GLU A 94 -18.78 -4.87 -3.34
C GLU A 94 -20.18 -4.30 -3.12
N SER A 95 -20.47 -3.98 -1.86
CA SER A 95 -21.73 -3.38 -1.50
C SER A 95 -21.39 -2.04 -0.88
N TYR A 96 -22.27 -1.07 -0.99
CA TYR A 96 -22.00 0.19 -0.36
C TYR A 96 -23.14 0.41 0.62
N LEU A 97 -22.82 0.92 1.81
CA LEU A 97 -23.86 0.96 2.83
C LEU A 97 -23.53 1.96 3.88
N THR A 98 -24.29 1.99 4.97
CA THR A 98 -23.79 2.89 5.99
C THR A 98 -23.86 2.23 7.33
N VAL A 99 -23.14 2.80 8.29
CA VAL A 99 -23.12 2.42 9.68
C VAL A 99 -24.46 2.65 10.38
N SER A 100 -25.19 3.68 9.96
CA SER A 100 -26.44 3.98 10.65
C SER A 100 -27.57 3.05 10.22
N SER A 101 -27.54 2.58 8.99
CA SER A 101 -28.63 1.74 8.54
C SER A 101 -28.00 0.40 8.11
N HIS A 102 -27.04 -0.16 8.89
CA HIS A 102 -26.33 -1.35 8.40
C HIS A 102 -27.11 -2.64 8.65
N PRO A 103 -26.84 -3.67 7.84
CA PRO A 103 -27.45 -4.98 8.08
C PRO A 103 -27.00 -5.53 9.39
N ASN A 104 -27.88 -6.23 10.09
CA ASN A 104 -27.53 -6.82 11.35
C ASN A 104 -26.39 -7.82 11.14
N SER A 105 -26.32 -8.38 9.93
CA SER A 105 -25.29 -9.37 9.55
C SER A 105 -23.83 -8.88 9.58
N LEU A 106 -23.62 -7.56 9.54
CA LEU A 106 -22.26 -7.01 9.55
C LEU A 106 -21.90 -6.49 10.93
N MET A 107 -22.76 -6.75 11.93
CA MET A 107 -22.55 -6.29 13.30
C MET A 107 -21.18 -6.79 13.80
N LYS A 108 -20.87 -8.07 13.59
CA LYS A 108 -19.61 -8.58 14.09
C LYS A 108 -18.42 -7.91 13.46
N LYS A 109 -18.48 -7.84 12.14
CA LYS A 109 -17.41 -7.28 11.33
C LYS A 109 -17.21 -5.78 11.55
N ILE A 110 -18.30 -5.04 11.70
CA ILE A 110 -18.21 -3.62 12.01
C ILE A 110 -17.60 -3.41 13.42
N THR A 111 -18.02 -4.23 14.37
CA THR A 111 -17.47 -4.16 15.72
C THR A 111 -15.95 -4.43 15.69
N LEU A 112 -15.53 -5.43 14.92
CA LEU A 112 -14.10 -5.72 14.75
C LEU A 112 -13.34 -4.54 14.14
N LEU A 113 -13.93 -3.93 13.10
CA LEU A 113 -13.29 -2.78 12.49
C LEU A 113 -13.09 -1.71 13.53
N ASN A 114 -14.12 -1.51 14.37
CA ASN A 114 -14.04 -0.56 15.47
C ASN A 114 -12.88 -0.85 16.43
N TYR A 115 -12.73 -2.13 16.79
CA TYR A 115 -11.66 -2.55 17.71
C TYR A 115 -10.29 -2.22 17.08
N PHE A 116 -10.10 -2.58 15.82
CA PHE A 116 -8.88 -2.26 15.06
C PHE A 116 -8.62 -0.73 15.05
N ARG A 117 -9.67 0.03 14.76
CA ARG A 117 -9.61 1.49 14.66
C ARG A 117 -9.09 2.07 16.00
N ASN A 118 -9.66 1.67 17.13
CA ASN A 118 -9.25 2.14 18.47
C ASN A 118 -7.79 1.79 18.84
N TYR A 119 -7.35 0.59 18.47
CA TYR A 119 -5.99 0.21 18.72
C TYR A 119 -5.05 1.15 17.99
N MET A 120 -5.38 1.50 16.76
CA MET A 120 -4.54 2.34 15.91
C MET A 120 -4.57 3.84 16.09
N SER A 121 -5.45 4.35 16.91
CA SER A 121 -5.46 5.80 17.16
C SER A 121 -4.61 6.14 18.35
N GLU A 122 -4.51 5.18 19.24
CA GLU A 122 -3.88 5.35 20.52
C GLU A 122 -2.42 4.88 20.52
N HIS A 123 -2.04 3.97 19.61
CA HIS A 123 -0.67 3.49 19.69
C HIS A 123 0.16 3.56 18.40
N LEU A 124 -0.46 3.64 17.23
CA LEU A 124 0.31 3.78 16.00
C LEU A 124 0.48 5.16 15.37
N LEU A 125 1.62 5.35 14.72
CA LEU A 125 1.96 6.59 14.04
C LEU A 125 1.40 6.58 12.62
N LYS A 126 1.04 7.74 12.12
CA LYS A 126 0.58 7.85 10.74
C LYS A 126 1.76 7.98 9.83
N ALA A 127 2.06 6.99 8.98
CA ALA A 127 3.15 7.20 8.02
C ALA A 127 2.74 8.31 7.06
N GLY A 128 3.62 9.26 6.78
CA GLY A 128 3.33 10.37 5.88
C GLY A 128 2.30 11.36 6.41
N ALA A 129 2.22 11.53 7.73
CA ALA A 129 1.27 12.44 8.39
C ALA A 129 1.36 13.94 8.09
N ASN A 130 2.57 14.38 7.81
CA ASN A 130 2.85 15.79 7.53
C ASN A 130 2.72 16.29 6.08
N ILE A 131 2.14 15.47 5.22
CA ILE A 131 1.95 15.83 3.83
C ILE A 131 0.53 16.40 3.80
N THR A 132 0.41 17.52 3.11
CA THR A 132 -0.84 18.22 2.81
C THR A 132 -1.55 17.76 1.55
N PRO A 133 -2.72 17.13 1.74
CA PRO A 133 -3.43 16.66 0.55
C PRO A 133 -3.99 17.77 -0.36
N ARG A 134 -4.05 17.49 -1.66
CA ARG A 134 -4.64 18.38 -2.63
C ARG A 134 -6.18 18.38 -2.59
N GLU A 135 -6.83 19.46 -3.00
CA GLU A 135 -8.28 19.46 -3.07
C GLU A 135 -8.77 18.33 -3.97
N GLY A 136 -9.51 17.38 -3.41
CA GLY A 136 -9.84 16.14 -4.10
C GLY A 136 -8.60 15.39 -4.58
N ASP A 137 -8.00 14.43 -3.86
CA ASP A 137 -8.52 13.54 -2.80
C ASP A 137 -10.03 13.54 -2.57
N GLU A 138 -10.68 12.97 -3.57
CA GLU A 138 -12.03 12.42 -3.55
C GLU A 138 -11.68 11.34 -4.56
N LEU A 139 -12.45 10.26 -4.65
CA LEU A 139 -12.28 9.28 -5.73
C LEU A 139 -11.13 8.39 -5.41
N ALA A 140 -11.20 7.15 -5.86
CA ALA A 140 -12.35 6.62 -6.54
C ALA A 140 -12.77 5.54 -5.63
N ARG A 141 -13.98 5.66 -5.08
CA ARG A 141 -14.57 4.71 -4.13
C ARG A 141 -13.61 4.29 -3.04
N LEU A 142 -12.40 4.87 -3.03
CA LEU A 142 -11.30 4.53 -2.15
C LEU A 142 -10.85 3.13 -2.58
N PRO A 143 -9.55 2.84 -2.55
CA PRO A 143 -9.02 1.48 -2.74
C PRO A 143 -9.21 0.57 -1.55
N TYR A 144 -9.33 -0.75 -1.74
CA TYR A 144 -9.39 -1.63 -0.55
C TYR A 144 -8.15 -2.54 -0.64
N LEU A 145 -7.82 -3.25 0.43
CA LEU A 145 -6.69 -4.16 0.40
C LEU A 145 -7.05 -5.46 -0.31
N ARG A 146 -6.50 -5.68 -1.49
CA ARG A 146 -6.73 -6.90 -2.26
C ARG A 146 -6.01 -8.07 -1.61
N THR A 147 -4.74 -7.87 -1.31
CA THR A 147 -3.97 -8.90 -0.66
C THR A 147 -2.78 -8.28 0.03
N TRP A 148 -2.14 -9.07 0.89
CA TRP A 148 -0.95 -8.63 1.60
C TRP A 148 -0.13 -9.84 1.98
N PHE A 149 1.15 -9.66 2.24
CA PHE A 149 1.96 -10.74 2.80
C PHE A 149 3.15 -10.18 3.53
N ARG A 150 3.81 -11.03 4.32
CA ARG A 150 5.02 -10.65 5.02
C ARG A 150 6.21 -11.53 4.68
N THR A 151 7.38 -10.92 4.74
CA THR A 151 8.65 -11.61 4.67
C THR A 151 9.41 -11.36 5.94
N ARG A 152 10.62 -11.89 5.96
CA ARG A 152 11.53 -11.66 7.05
C ARG A 152 11.84 -10.15 7.12
N SER A 153 11.85 -9.52 5.95
CA SER A 153 12.33 -8.15 5.87
C SER A 153 11.23 -7.09 5.73
N ALA A 154 10.04 -7.53 5.34
CA ALA A 154 9.01 -6.56 4.98
C ALA A 154 7.57 -7.01 5.02
N ILE A 155 6.68 -6.03 5.03
CA ILE A 155 5.28 -6.29 4.77
C ILE A 155 4.92 -5.68 3.40
N ILE A 156 4.16 -6.46 2.63
CA ILE A 156 3.80 -6.14 1.26
C ILE A 156 2.28 -5.96 1.16
N LEU A 157 1.84 -4.78 0.70
CA LEU A 157 0.41 -4.44 0.69
C LEU A 157 -0.08 -4.08 -0.72
N HIS A 158 -1.03 -4.85 -1.25
CA HIS A 158 -1.51 -4.62 -2.60
C HIS A 158 -2.92 -4.01 -2.61
N LEU A 159 -3.06 -2.77 -3.08
CA LEU A 159 -4.35 -2.09 -3.11
C LEU A 159 -5.09 -2.29 -4.42
N SER A 160 -6.42 -2.15 -4.37
CA SER A 160 -7.28 -2.41 -5.54
C SER A 160 -7.15 -1.40 -6.69
N ASN A 161 -6.49 -0.27 -6.46
CA ASN A 161 -6.24 0.68 -7.55
C ASN A 161 -4.92 0.36 -8.25
N GLY A 162 -4.28 -0.76 -7.88
CA GLY A 162 -3.05 -1.20 -8.50
C GLY A 162 -1.74 -0.89 -7.75
N THR A 163 -1.78 0.04 -6.82
CA THR A 163 -0.59 0.39 -6.07
C THR A 163 -0.15 -0.83 -5.24
N VAL A 164 1.17 -0.96 -5.12
CA VAL A 164 1.84 -1.95 -4.28
C VAL A 164 2.72 -1.15 -3.35
N GLN A 165 2.50 -1.38 -2.05
CA GLN A 165 3.26 -0.71 -1.02
C GLN A 165 4.19 -1.68 -0.28
N ILE A 166 5.42 -1.29 -0.06
CA ILE A 166 6.34 -2.15 0.65
C ILE A 166 6.94 -1.45 1.85
N ASN A 167 6.71 -1.96 3.05
CA ASN A 167 7.30 -1.35 4.22
C ASN A 167 8.44 -2.21 4.76
N PHE A 168 9.67 -1.67 4.80
CA PHE A 168 10.81 -2.41 5.35
C PHE A 168 10.88 -2.21 6.86
N PHE A 169 10.92 -3.33 7.57
CA PHE A 169 10.84 -3.37 9.03
C PHE A 169 12.03 -2.70 9.72
N GLN A 170 13.26 -2.97 9.25
CA GLN A 170 14.45 -2.60 10.02
C GLN A 170 14.71 -1.14 10.11
N ASP A 171 14.58 -0.48 8.98
CA ASP A 171 14.91 0.94 8.84
C ASP A 171 13.74 1.87 8.65
N HIS A 172 12.52 1.32 8.62
CA HIS A 172 11.27 2.06 8.49
C HIS A 172 11.15 2.79 7.14
N THR A 173 11.96 2.40 6.17
CA THR A 173 11.83 2.96 4.83
C THR A 173 10.71 2.25 4.05
N LYS A 174 10.13 2.97 3.09
CA LYS A 174 8.98 2.49 2.34
C LYS A 174 8.96 2.81 0.86
N LEU A 175 8.36 1.90 0.11
CA LEU A 175 8.08 2.13 -1.29
C LEU A 175 6.59 2.07 -1.54
N ILE A 176 6.14 3.04 -2.32
CA ILE A 176 4.82 3.07 -2.87
C ILE A 176 4.97 3.09 -4.36
N LEU A 177 4.58 1.99 -4.98
CA LEU A 177 4.73 1.82 -6.41
C LEU A 177 3.39 2.05 -7.08
N CYS A 178 3.32 2.88 -8.13
CA CYS A 178 2.05 3.00 -8.84
C CYS A 178 2.27 2.72 -10.33
N PRO A 179 1.59 1.70 -10.87
CA PRO A 179 1.81 1.33 -12.27
C PRO A 179 1.13 2.14 -13.38
N LEU A 180 0.11 2.93 -13.08
CA LEU A 180 -0.57 3.76 -14.10
C LEU A 180 0.23 5.00 -14.41
N MET A 181 0.73 5.62 -13.35
CA MET A 181 1.61 6.79 -13.49
C MET A 181 3.02 6.33 -13.83
N ALA A 182 3.24 5.03 -13.66
CA ALA A 182 4.57 4.43 -13.75
C ALA A 182 5.57 5.14 -12.87
N ALA A 183 5.24 5.27 -11.59
CA ALA A 183 6.05 6.06 -10.68
C ALA A 183 6.30 5.28 -9.39
N VAL A 184 7.32 5.68 -8.65
CA VAL A 184 7.59 5.12 -7.33
C VAL A 184 7.90 6.22 -6.32
N THR A 185 7.28 6.13 -5.16
CA THR A 185 7.53 7.00 -4.02
C THR A 185 8.35 6.27 -2.97
N TYR A 186 9.47 6.88 -2.60
CA TYR A 186 10.40 6.36 -1.62
C TYR A 186 10.31 7.21 -0.37
N ILE A 187 10.06 6.56 0.75
CA ILE A 187 10.06 7.24 2.01
C ILE A 187 11.36 6.79 2.69
N ASN A 188 12.25 7.75 3.00
CA ASN A 188 13.56 7.37 3.55
C ASN A 188 13.61 7.26 5.08
N GLU A 189 14.82 7.08 5.61
CA GLU A 189 15.06 6.84 7.04
C GLU A 189 14.62 8.01 7.91
N LYS A 190 14.57 9.17 7.27
CA LYS A 190 14.14 10.41 7.89
C LYS A 190 12.67 10.68 7.55
N ARG A 191 12.00 9.73 6.91
CA ARG A 191 10.60 9.93 6.49
C ARG A 191 10.30 10.98 5.40
N ASP A 192 11.33 11.42 4.70
CA ASP A 192 11.19 12.31 3.55
C ASP A 192 10.60 11.54 2.35
N PHE A 193 9.86 12.23 1.47
CA PHE A 193 9.21 11.53 0.37
C PHE A 193 9.58 12.24 -0.90
N GLN A 194 9.78 11.43 -1.93
CA GLN A 194 9.97 11.89 -3.27
C GLN A 194 9.34 10.90 -4.21
N THR A 195 8.79 11.39 -5.29
CA THR A 195 8.29 10.56 -6.34
C THR A 195 9.11 10.62 -7.63
N TYR A 196 9.48 9.47 -8.18
CA TYR A 196 10.29 9.39 -9.38
C TYR A 196 9.50 8.72 -10.45
N ARG A 197 9.67 9.16 -11.69
CA ARG A 197 9.17 8.36 -12.79
C ARG A 197 10.12 7.23 -13.06
N LEU A 198 9.60 6.01 -13.08
CA LEU A 198 10.45 4.84 -13.25
C LEU A 198 11.17 4.97 -14.58
N SER A 199 10.50 5.46 -15.61
CA SER A 199 11.17 5.63 -16.91
C SER A 199 12.33 6.63 -16.89
N LEU A 200 12.26 7.66 -16.04
CA LEU A 200 13.38 8.60 -15.95
C LEU A 200 14.52 8.00 -15.10
N LEU A 201 14.20 7.11 -14.16
CA LEU A 201 15.23 6.36 -13.41
C LEU A 201 15.97 5.41 -14.31
N GLU A 202 15.25 4.84 -15.26
CA GLU A 202 15.94 4.01 -16.23
C GLU A 202 16.92 4.90 -17.00
N GLU A 203 16.50 6.14 -17.28
CA GLU A 203 17.28 7.06 -18.08
C GLU A 203 18.49 7.69 -17.39
N TYR A 204 18.35 8.03 -16.11
CA TYR A 204 19.35 8.82 -15.41
C TYR A 204 19.98 8.04 -14.28
N GLY A 205 19.38 6.90 -13.93
CA GLY A 205 19.93 6.09 -12.89
C GLY A 205 19.45 6.57 -11.54
N CYS A 206 19.88 5.85 -10.52
CA CYS A 206 19.56 6.21 -9.15
C CYS A 206 20.58 5.63 -8.18
N CYS A 207 20.48 6.05 -6.92
CA CYS A 207 21.39 5.60 -5.87
C CYS A 207 21.18 4.14 -5.51
N LYS A 208 22.20 3.57 -4.90
CA LYS A 208 22.19 2.16 -4.53
C LYS A 208 21.09 1.86 -3.51
N GLU A 209 20.76 2.86 -2.69
CA GLU A 209 19.74 2.69 -1.68
C GLU A 209 18.39 2.38 -2.32
N LEU A 210 18.00 3.19 -3.30
CA LEU A 210 16.78 2.99 -4.03
C LEU A 210 16.79 1.79 -4.96
N ALA A 211 17.90 1.60 -5.67
CA ALA A 211 18.05 0.49 -6.60
C ALA A 211 17.89 -0.90 -5.96
N SER A 212 18.48 -1.08 -4.78
CA SER A 212 18.38 -2.38 -4.11
C SER A 212 16.93 -2.64 -3.76
N ARG A 213 16.28 -1.59 -3.28
CA ARG A 213 14.91 -1.69 -2.92
C ARG A 213 14.01 -1.90 -4.13
N LEU A 214 14.39 -1.39 -5.30
CA LEU A 214 13.60 -1.64 -6.50
C LEU A 214 13.79 -3.08 -6.98
N ARG A 215 14.96 -3.63 -6.74
CA ARG A 215 15.19 -5.04 -7.02
C ARG A 215 14.36 -5.95 -6.09
N TYR A 216 14.30 -5.60 -4.82
CA TYR A 216 13.48 -6.35 -3.88
C TYR A 216 12.01 -6.23 -4.30
N ALA A 217 11.58 -5.04 -4.71
CA ALA A 217 10.21 -4.82 -5.16
C ALA A 217 9.85 -5.73 -6.32
N ARG A 218 10.77 -5.91 -7.28
CA ARG A 218 10.47 -6.83 -8.35
C ARG A 218 10.21 -8.24 -7.91
N THR A 219 11.04 -8.73 -7.00
CA THR A 219 10.85 -10.09 -6.54
C THR A 219 9.55 -10.22 -5.77
N MET A 220 9.17 -9.18 -5.03
CA MET A 220 7.92 -9.18 -4.27
C MET A 220 6.68 -9.10 -5.15
N VAL A 221 6.76 -8.31 -6.23
CA VAL A 221 5.67 -8.17 -7.18
C VAL A 221 5.51 -9.47 -7.94
N ASP A 222 6.64 -10.08 -8.25
CA ASP A 222 6.68 -11.39 -8.85
C ASP A 222 5.97 -12.44 -7.98
N LYS A 223 6.14 -12.35 -6.66
CA LYS A 223 5.50 -13.27 -5.73
C LYS A 223 3.98 -13.07 -5.80
N LEU A 224 3.51 -11.80 -5.88
CA LEU A 224 2.07 -11.50 -6.01
C LEU A 224 1.42 -12.07 -7.25
N LEU A 225 2.08 -11.93 -8.38
CA LEU A 225 1.52 -12.44 -9.62
C LEU A 225 1.41 -13.96 -9.57
N SER A 226 2.41 -14.62 -9.00
CA SER A 226 2.44 -16.07 -8.96
C SER A 226 1.57 -16.69 -7.87
N SER A 227 0.99 -15.84 -7.03
CA SER A 227 0.13 -16.29 -5.95
C SER A 227 -1.21 -16.66 -6.54
N ARG A 228 -1.54 -17.94 -6.43
CA ARG A 228 -2.83 -18.48 -6.90
C ARG A 228 -3.06 -18.22 -8.41
N SER A 229 -1.97 -18.00 -9.14
CA SER A 229 -2.02 -17.76 -10.57
C SER A 229 -2.43 -19.01 -11.32
N ALA A 230 -2.41 -18.96 -12.65
CA ALA A 230 -2.96 -20.04 -13.46
C ALA A 230 -2.00 -21.21 -13.61
N SER A 231 -0.69 -20.93 -13.58
CA SER A 231 0.31 -22.00 -13.59
C SER A 231 0.16 -22.97 -12.43
N ASN A 232 -0.28 -22.46 -11.28
CA ASN A 232 -0.42 -23.27 -10.06
C ASN A 232 -1.40 -22.57 -9.15
N ARG A 233 -2.67 -22.97 -9.20
CA ARG A 233 -3.69 -22.33 -8.37
C ARG A 233 -3.49 -22.62 -6.88
N LEU A 234 -2.66 -23.60 -6.55
CA LEU A 234 -2.30 -23.87 -5.15
C LEU A 234 -1.08 -23.08 -4.69
N LYS A 235 -0.44 -22.40 -5.66
CA LYS A 235 0.61 -21.34 -5.54
C LYS A 235 1.99 -21.81 -5.98
N LEU B 3 6.79 -5.54 13.88
CA LEU B 3 6.72 -6.74 13.04
C LEU B 3 5.31 -7.36 12.98
N VAL B 4 4.48 -7.12 14.00
CA VAL B 4 3.06 -7.54 13.98
C VAL B 4 2.11 -6.33 14.03
N THR B 5 2.58 -5.21 14.55
CA THR B 5 1.94 -3.97 14.20
C THR B 5 2.95 -3.08 13.49
N SER B 6 2.50 -1.98 12.92
CA SER B 6 3.43 -1.09 12.30
C SER B 6 4.04 -0.20 13.36
N TPO B 7 4.70 0.85 12.91
CA TPO B 7 5.42 1.81 13.77
CB TPO B 7 6.08 2.89 12.87
CG2 TPO B 7 6.67 4.04 13.68
OG1 TPO B 7 7.09 2.21 12.15
P TPO B 7 6.89 2.32 10.57
O1P TPO B 7 8.05 1.45 9.88
O2P TPO B 7 5.51 1.65 10.08
O3P TPO B 7 6.95 3.74 10.21
C TPO B 7 4.56 2.45 14.87
O TPO B 7 3.51 3.04 14.60
N ILE B 8 5.05 2.38 16.09
CA ILE B 8 4.30 2.87 17.22
C ILE B 8 4.54 4.35 17.53
N LYS B 9 3.64 4.86 18.39
CA LYS B 9 3.68 6.10 19.18
C LYS B 9 2.62 7.07 18.70
N THR B 10 1.67 7.38 19.59
CA THR B 10 0.61 8.35 19.33
C THR B 10 -0.19 8.01 18.08
N ASP B 12 -2.46 10.72 14.69
CA ASP B 12 -2.97 11.21 13.41
C ASP B 12 -3.82 10.17 12.68
N VAL B 13 -5.02 10.53 12.22
CA VAL B 13 -5.80 11.66 12.68
C VAL B 13 -7.27 11.16 12.52
N VAL B 14 -7.50 9.97 13.08
CA VAL B 14 -8.77 9.19 13.20
C VAL B 14 -8.89 8.01 12.22
NI NI C . -1.89 -0.33 24.84
NI NI D . 13.48 1.25 14.39
NI NI E . -25.36 -0.63 14.84
#